data_4NIP
# 
_entry.id   4NIP 
# 
_audit_conform.dict_name       mmcif_pdbx.dic 
_audit_conform.dict_version    5.387 
_audit_conform.dict_location   http://mmcif.pdb.org/dictionaries/ascii/mmcif_pdbx.dic 
# 
loop_
_database_2.database_id 
_database_2.database_code 
_database_2.pdbx_database_accession 
_database_2.pdbx_DOI 
PDB   4NIP         pdb_00004nip 10.2210/pdb4nip/pdb 
RCSB  RCSB083252   ?            ?                   
WWPDB D_1000083252 ?            ?                   
# 
loop_
_pdbx_audit_revision_history.ordinal 
_pdbx_audit_revision_history.data_content_type 
_pdbx_audit_revision_history.major_revision 
_pdbx_audit_revision_history.minor_revision 
_pdbx_audit_revision_history.revision_date 
1 'Structure model' 1 0 2013-12-04 
2 'Structure model' 1 1 2014-01-22 
3 'Structure model' 1 2 2017-11-22 
4 'Structure model' 1 3 2024-02-28 
# 
_pdbx_audit_revision_details.ordinal             1 
_pdbx_audit_revision_details.revision_ordinal    1 
_pdbx_audit_revision_details.data_content_type   'Structure model' 
_pdbx_audit_revision_details.provider            repository 
_pdbx_audit_revision_details.type                'Initial release' 
_pdbx_audit_revision_details.description         ? 
_pdbx_audit_revision_details.details             ? 
# 
loop_
_pdbx_audit_revision_group.ordinal 
_pdbx_audit_revision_group.revision_ordinal 
_pdbx_audit_revision_group.data_content_type 
_pdbx_audit_revision_group.group 
1 2 'Structure model' 'Database references'    
2 3 'Structure model' 'Refinement description' 
3 4 'Structure model' 'Data collection'        
4 4 'Structure model' 'Database references'    
# 
loop_
_pdbx_audit_revision_category.ordinal 
_pdbx_audit_revision_category.revision_ordinal 
_pdbx_audit_revision_category.data_content_type 
_pdbx_audit_revision_category.category 
1 3 'Structure model' software       
2 4 'Structure model' chem_comp_atom 
3 4 'Structure model' chem_comp_bond 
4 4 'Structure model' database_2     
# 
loop_
_pdbx_audit_revision_item.ordinal 
_pdbx_audit_revision_item.revision_ordinal 
_pdbx_audit_revision_item.data_content_type 
_pdbx_audit_revision_item.item 
1 4 'Structure model' '_database_2.pdbx_DOI'                
2 4 'Structure model' '_database_2.pdbx_database_accession' 
# 
_pdbx_database_status.entry_id                        4NIP 
_pdbx_database_status.status_code                     REL 
_pdbx_database_status.deposit_site                    RCSB 
_pdbx_database_status.process_site                    RCSB 
_pdbx_database_status.recvd_initial_deposition_date   2013-11-06 
_pdbx_database_status.status_code_sf                  REL 
_pdbx_database_status.status_code_mr                  ? 
_pdbx_database_status.SG_entry                        ? 
_pdbx_database_status.status_code_cs                  ? 
_pdbx_database_status.methods_development_category    ? 
_pdbx_database_status.pdb_format_compatible           Y 
_pdbx_database_status.status_code_nmr_data            ? 
# 
loop_
_pdbx_database_related.db_name 
_pdbx_database_related.db_id 
_pdbx_database_related.details 
_pdbx_database_related.content_type 
PDB 1NIN 'A different amyloidogenic segment (residues 101-107) from the same protein.' unspecified 
PDB 1NIO 
'The same amyloidogenic segment from the same protein with a mutation related to familial form of amyotrophic lateral sclerosis' 
unspecified 
# 
loop_
_audit_author.name 
_audit_author.pdbx_ordinal 
'Sievers, S.A.' 1 
'Sawaya, M.R.'  2 
'Eisenberg, D.' 3 
'Ivanova, M.I.' 4 
# 
_citation.id                        primary 
_citation.title                     
'Aggregation-triggering segments of SOD1 fibril formation support a common pathway for familial and sporadic ALS.' 
_citation.journal_abbrev            Proc.Natl.Acad.Sci.USA 
_citation.journal_volume            111 
_citation.page_first                197 
_citation.page_last                 201 
_citation.year                      2014 
_citation.journal_id_ASTM           PNASA6 
_citation.country                   US 
_citation.journal_id_ISSN           0027-8424 
_citation.journal_id_CSD            0040 
_citation.book_publisher            ? 
_citation.pdbx_database_id_PubMed   24344300 
_citation.pdbx_database_id_DOI      10.1073/pnas.1320786110 
# 
loop_
_citation_author.citation_id 
_citation_author.name 
_citation_author.ordinal 
_citation_author.identifier_ORCID 
primary 'Ivanova, M.I.'   1 ? 
primary 'Sievers, S.A.'   2 ? 
primary 'Guenther, E.L.'  3 ? 
primary 'Johnson, L.M.'   4 ? 
primary 'Winkler, D.D.'   5 ? 
primary 'Galaleldeen, A.' 6 ? 
primary 'Sawaya, M.R.'    7 ? 
primary 'Hart, P.J.'      8 ? 
primary 'Eisenberg, D.S.' 9 ? 
# 
loop_
_entity.id 
_entity.type 
_entity.src_method 
_entity.pdbx_description 
_entity.formula_weight 
_entity.pdbx_number_of_molecules 
_entity.pdbx_ec 
_entity.pdbx_mutation 
_entity.pdbx_fragment 
_entity.details 
1 polymer syn 'GVTGIAQ segment from Superoxide dismutase [Cu-Zn]' 656.772 1 ? ? 'UNP Residues 148-154' ? 
2 water   nat water                                               18.015  3 ? ? ?                      ? 
# 
_entity_name_com.entity_id   1 
_entity_name_com.name        'Superoxide dismutase 1, hSod1' 
# 
_entity_poly.entity_id                      1 
_entity_poly.type                           'polypeptide(L)' 
_entity_poly.nstd_linkage                   no 
_entity_poly.nstd_monomer                   no 
_entity_poly.pdbx_seq_one_letter_code       GVIGIAQ 
_entity_poly.pdbx_seq_one_letter_code_can   GVIGIAQ 
_entity_poly.pdbx_strand_id                 A 
_entity_poly.pdbx_target_identifier         ? 
# 
_pdbx_entity_nonpoly.entity_id   2 
_pdbx_entity_nonpoly.name        water 
_pdbx_entity_nonpoly.comp_id     HOH 
# 
loop_
_entity_poly_seq.entity_id 
_entity_poly_seq.num 
_entity_poly_seq.mon_id 
_entity_poly_seq.hetero 
1 1 GLY n 
1 2 VAL n 
1 3 ILE n 
1 4 GLY n 
1 5 ILE n 
1 6 ALA n 
1 7 GLN n 
# 
_pdbx_entity_src_syn.entity_id              1 
_pdbx_entity_src_syn.pdbx_src_id            1 
_pdbx_entity_src_syn.pdbx_alt_source_flag   sample 
_pdbx_entity_src_syn.pdbx_beg_seq_num       ? 
_pdbx_entity_src_syn.pdbx_end_seq_num       ? 
_pdbx_entity_src_syn.organism_scientific    'Homo Sapiens' 
_pdbx_entity_src_syn.organism_common_name   human 
_pdbx_entity_src_syn.ncbi_taxonomy_id       9606 
_pdbx_entity_src_syn.details                ? 
# 
loop_
_chem_comp.id 
_chem_comp.type 
_chem_comp.mon_nstd_flag 
_chem_comp.name 
_chem_comp.pdbx_synonyms 
_chem_comp.formula 
_chem_comp.formula_weight 
ALA 'L-peptide linking' y ALANINE    ? 'C3 H7 N O2'   89.093  
GLN 'L-peptide linking' y GLUTAMINE  ? 'C5 H10 N2 O3' 146.144 
GLY 'peptide linking'   y GLYCINE    ? 'C2 H5 N O2'   75.067  
HOH non-polymer         . WATER      ? 'H2 O'         18.015  
ILE 'L-peptide linking' y ISOLEUCINE ? 'C6 H13 N O2'  131.173 
VAL 'L-peptide linking' y VALINE     ? 'C5 H11 N O2'  117.146 
# 
loop_
_pdbx_poly_seq_scheme.asym_id 
_pdbx_poly_seq_scheme.entity_id 
_pdbx_poly_seq_scheme.seq_id 
_pdbx_poly_seq_scheme.mon_id 
_pdbx_poly_seq_scheme.ndb_seq_num 
_pdbx_poly_seq_scheme.pdb_seq_num 
_pdbx_poly_seq_scheme.auth_seq_num 
_pdbx_poly_seq_scheme.pdb_mon_id 
_pdbx_poly_seq_scheme.auth_mon_id 
_pdbx_poly_seq_scheme.pdb_strand_id 
_pdbx_poly_seq_scheme.pdb_ins_code 
_pdbx_poly_seq_scheme.hetero 
A 1 1 GLY 1 1 1 GLY GLY A . n 
A 1 2 VAL 2 2 2 VAL VAL A . n 
A 1 3 ILE 3 3 3 ILE ILE A . n 
A 1 4 GLY 4 4 4 GLY GLY A . n 
A 1 5 ILE 5 5 5 ILE ILE A . n 
A 1 6 ALA 6 6 6 ALA ALA A . n 
A 1 7 GLN 7 7 7 GLN GLN A . n 
# 
loop_
_pdbx_nonpoly_scheme.asym_id 
_pdbx_nonpoly_scheme.entity_id 
_pdbx_nonpoly_scheme.mon_id 
_pdbx_nonpoly_scheme.ndb_seq_num 
_pdbx_nonpoly_scheme.pdb_seq_num 
_pdbx_nonpoly_scheme.auth_seq_num 
_pdbx_nonpoly_scheme.pdb_mon_id 
_pdbx_nonpoly_scheme.auth_mon_id 
_pdbx_nonpoly_scheme.pdb_strand_id 
_pdbx_nonpoly_scheme.pdb_ins_code 
B 2 HOH 1 101 1 HOH HOH A . 
B 2 HOH 2 102 2 HOH HOH A . 
B 2 HOH 3 103 3 HOH HOH A . 
# 
loop_
_software.pdbx_ordinal 
_software.name 
_software.version 
_software.date 
_software.type 
_software.contact_author 
_software.contact_author_email 
_software.classification 
_software.location 
_software.language 
_software.citation_id 
1 DENZO       .     ?                          program 'Zbyszek Otwinowski' hkl@hkl-xray.com            'data reduction'  
http://www.hkl-xray.com/                     ?          ? 
2 SCALEPACK   .     ?                          program 'Zbyszek Otwinowski' hkl@hkl-xray.com            'data scaling'    
http://www.hkl-xray.com/                     ?          ? 
3 PHASER      1.3.2 'Wed Feb 15 11:59:26 2006' program 'Randy J. Read'      cimr-phaser@lists.cam.ac.uk phasing           
http://www-structmed.cimr.cam.ac.uk/phaser/  ?          ? 
4 REFMAC      .     ?                          program 'Garib N. Murshudov' garib@ysbl.york.ac.uk       refinement        
http://www.ccp4.ac.uk/dist/html/refmac5.html Fortran_77 ? 
5 PDB_EXTRACT 3.11  'April 22, 2011'           package PDB                  deposit@deposit.rcsb.org    'data extraction' 
http://sw-tools.pdb.org/apps/PDB_EXTRACT/    C++        ? 
# 
_cell.length_a           50.128 
_cell.length_b           4.843 
_cell.length_c           18.142 
_cell.angle_alpha        90.000 
_cell.angle_beta         99.500 
_cell.angle_gamma        90.000 
_cell.entry_id           4NIP 
_cell.pdbx_unique_axis   ? 
_cell.Z_PDB              4 
_cell.length_a_esd       ? 
_cell.length_b_esd       ? 
_cell.length_c_esd       ? 
_cell.angle_alpha_esd    ? 
_cell.angle_beta_esd     ? 
_cell.angle_gamma_esd    ? 
# 
_symmetry.space_group_name_H-M             'C 1 2 1' 
_symmetry.entry_id                         4NIP 
_symmetry.Int_Tables_number                5 
_symmetry.pdbx_full_space_group_name_H-M   ? 
_symmetry.cell_setting                     ? 
_symmetry.space_group_name_Hall            ? 
# 
_exptl.crystals_number   1 
_exptl.entry_id          4NIP 
_exptl.method            'X-RAY DIFFRACTION' 
# 
_exptl_crystal.id                    1 
_exptl_crystal.density_Matthews      1.65 
_exptl_crystal.density_meas          ? 
_exptl_crystal.density_percent_sol   25.61 
_exptl_crystal.description           ? 
_exptl_crystal.F_000                 ? 
_exptl_crystal.preparation           ? 
# 
_exptl_crystal_grow.crystal_id      1 
_exptl_crystal_grow.method          'VAPOR DIFFUSION, HANGING DROP' 
_exptl_crystal_grow.pH              4.5 
_exptl_crystal_grow.temp            298 
_exptl_crystal_grow.pdbx_details    
'1 M sodium acetate pH 4.5, 1.75 M ammonium sulfate, vapor diffusion, hanging drop, temperature 298K' 
_exptl_crystal_grow.temp_details    ? 
_exptl_crystal_grow.pdbx_pH_range   ? 
# 
_diffrn.id                     1 
_diffrn.ambient_temp           100 
_diffrn.ambient_temp_details   ? 
_diffrn.crystal_id             1 
# 
_diffrn_detector.diffrn_id              1 
_diffrn_detector.detector               CCD 
_diffrn_detector.type                   'MAR CCD 165 mm' 
_diffrn_detector.pdbx_collection_date   2007-07-13 
_diffrn_detector.details                ? 
# 
_diffrn_radiation.diffrn_id                        1 
_diffrn_radiation.pdbx_diffrn_protocol             'SINGLE WAVELENGTH' 
_diffrn_radiation.monochromator                    'cryogenically-cooled single crystal Si(111)' 
_diffrn_radiation.wavelength_id                    1 
_diffrn_radiation.pdbx_monochromatic_or_laue_m_l   M 
_diffrn_radiation.pdbx_scattering_type             x-ray 
# 
_diffrn_radiation_wavelength.id           1 
_diffrn_radiation_wavelength.wavelength   0.895432 
_diffrn_radiation_wavelength.wt           1.0 
# 
_diffrn_source.diffrn_id                   1 
_diffrn_source.source                      SYNCHROTRON 
_diffrn_source.type                        'ESRF BEAMLINE ID13' 
_diffrn_source.pdbx_wavelength_list        0.895432 
_diffrn_source.pdbx_wavelength             ? 
_diffrn_source.pdbx_synchrotron_site       ESRF 
_diffrn_source.pdbx_synchrotron_beamline   ID13 
# 
_reflns.entry_id                     4NIP 
_reflns.d_resolution_high            1.900 
_reflns.d_resolution_low             90.000 
_reflns.number_obs                   415 
_reflns.pdbx_Rmerge_I_obs            0.144 
_reflns.pdbx_netI_over_sigmaI        8.500 
_reflns.pdbx_chi_squared             1.515 
_reflns.pdbx_redundancy              2.400 
_reflns.percent_possible_obs         95.200 
_reflns.observed_criterion_sigma_F   ? 
_reflns.observed_criterion_sigma_I   -3.0 
_reflns.number_all                   415 
_reflns.pdbx_Rsym_value              ? 
_reflns.B_iso_Wilson_estimate        20.8 
_reflns.R_free_details               ? 
_reflns.limit_h_max                  ? 
_reflns.limit_h_min                  ? 
_reflns.limit_k_max                  ? 
_reflns.limit_k_min                  ? 
_reflns.limit_l_max                  ? 
_reflns.limit_l_min                  ? 
_reflns.observed_criterion_F_max     ? 
_reflns.observed_criterion_F_min     ? 
_reflns.pdbx_scaling_rejects         ? 
_reflns.pdbx_ordinal                 1 
_reflns.pdbx_diffrn_id               1 
# 
loop_
_reflns_shell.d_res_high 
_reflns_shell.d_res_low 
_reflns_shell.number_measured_obs 
_reflns_shell.number_measured_all 
_reflns_shell.number_unique_obs 
_reflns_shell.Rmerge_I_obs 
_reflns_shell.meanI_over_sigI_obs 
_reflns_shell.pdbx_Rsym_value 
_reflns_shell.pdbx_chi_squared 
_reflns_shell.pdbx_redundancy 
_reflns_shell.percent_possible_obs 
_reflns_shell.number_unique_all 
_reflns_shell.percent_possible_all 
_reflns_shell.pdbx_ordinal 
_reflns_shell.pdbx_diffrn_id 
1.900 2.050  ? ? ? 0.206 ? ? 1.865 2.400 ? 74  89.200  1 1 
2.050 2.250  ? ? ? 0.228 ? ? 1.872 2.500 ? 90  96.800  2 1 
2.250 2.580  ? ? ? 0.204 ? ? 1.056 2.400 ? 77  91.700  3 1 
2.580 3.250  ? ? ? 0.196 ? ? 1.582 2.500 ? 70  97.200  4 1 
3.250 90.000 ? ? ? 0.111 ? ? 1.196 2.300 ? 104 100.000 5 1 
# 
_refine.entry_id                                 4NIP 
_refine.ls_d_res_high                            1.9000 
_refine.ls_d_res_low                             24.8500 
_refine.pdbx_ls_sigma_F                          0.000 
_refine.pdbx_data_cutoff_high_absF               ? 
_refine.pdbx_data_cutoff_low_absF                ? 
_refine.ls_percent_reflns_obs                    96.1200 
_refine.ls_number_reflns_obs                     378 
_refine.ls_number_reflns_all                     378 
_refine.pdbx_ls_cross_valid_method               THROUGHOUT 
_refine.pdbx_R_Free_selection_details            RANDOM 
_refine.details                                  'HYDROGENS HAVE BEEN ADDED IN THE RIDING POSITIONS' 
_refine.ls_R_factor_all                          ? 
_refine.ls_R_factor_obs                          0.2339 
_refine.ls_R_factor_R_work                       0.2321 
_refine.ls_wR_factor_R_work                      0.2410 
_refine.ls_R_factor_R_free                       0.2485 
_refine.ls_wR_factor_R_free                      0.2872 
_refine.ls_percent_reflns_R_free                 10.2000 
_refine.ls_number_reflns_R_free                  43 
_refine.ls_R_factor_R_free_error                 ? 
_refine.B_iso_mean                               17.1302 
_refine.solvent_model_param_bsol                 ? 
_refine.solvent_model_param_ksol                 ? 
_refine.pdbx_isotropic_thermal_model             ? 
_refine.aniso_B[1][1]                            2.3500 
_refine.aniso_B[2][2]                            -2.3300 
_refine.aniso_B[3][3]                            -0.2700 
_refine.aniso_B[1][2]                            0.0000 
_refine.aniso_B[1][3]                            -0.7400 
_refine.aniso_B[2][3]                            0.0000 
_refine.correlation_coeff_Fo_to_Fc               0.9310 
_refine.correlation_coeff_Fo_to_Fc_free          0.9420 
_refine.overall_SU_R_Cruickshank_DPI             0.2405 
_refine.overall_SU_R_free                        0.1787 
_refine.pdbx_overall_ESU_R                       0.2410 
_refine.pdbx_overall_ESU_R_Free                  0.1790 
_refine.overall_SU_ML                            0.1040 
_refine.overall_SU_B                             3.4360 
_refine.solvent_model_details                    MASK 
_refine.pdbx_solvent_vdw_probe_radii             1.4000 
_refine.pdbx_solvent_ion_probe_radii             0.8000 
_refine.pdbx_solvent_shrinkage_radii             0.8000 
_refine.ls_number_parameters                     ? 
_refine.ls_number_restraints                     ? 
_refine.pdbx_starting_model                      ? 
_refine.pdbx_method_to_determine_struct          'MOLECULAR REPLACEMENT' 
_refine.pdbx_stereochemistry_target_values       'MAXIMUM LIKELIHOOD' 
_refine.pdbx_stereochem_target_val_spec_case     ? 
_refine.overall_FOM_work_R_set                   0.8529 
_refine.B_iso_max                                40.820 
_refine.B_iso_min                                2.670 
_refine.pdbx_overall_phase_error                 ? 
_refine.occupancy_max                            1.000 
_refine.occupancy_min                            1.000 
_refine.pdbx_ls_sigma_I                          ? 
_refine.ls_redundancy_reflns_obs                 ? 
_refine.ls_R_factor_R_free_error_details         ? 
_refine.pdbx_data_cutoff_high_rms_absF           ? 
_refine.overall_FOM_free_R_set                   ? 
_refine.pdbx_diffrn_id                           1 
_refine.pdbx_refine_id                           'X-RAY DIFFRACTION' 
_refine.pdbx_TLS_residual_ADP_flag               ? 
_refine.pdbx_overall_SU_R_free_Cruickshank_DPI   ? 
_refine.pdbx_overall_SU_R_Blow_DPI               ? 
_refine.pdbx_overall_SU_R_free_Blow_DPI          ? 
# 
_refine_hist.pdbx_refine_id                   'X-RAY DIFFRACTION' 
_refine_hist.cycle_id                         LAST 
_refine_hist.pdbx_number_atoms_protein        46 
_refine_hist.pdbx_number_atoms_nucleic_acid   0 
_refine_hist.pdbx_number_atoms_ligand         0 
_refine_hist.number_atoms_solvent             3 
_refine_hist.number_atoms_total               49 
_refine_hist.d_res_high                       1.9000 
_refine_hist.d_res_low                        24.8500 
# 
loop_
_refine_ls_restr.type 
_refine_ls_restr.number 
_refine_ls_restr.dev_ideal 
_refine_ls_restr.dev_ideal_target 
_refine_ls_restr.weight 
_refine_ls_restr.pdbx_restraint_function 
_refine_ls_restr.pdbx_refine_id 
r_bond_refined_d       45 0.010  0.022  ? ? 'X-RAY DIFFRACTION' 
r_bond_other_d         26 0.001  0.020  ? ? 'X-RAY DIFFRACTION' 
r_angle_refined_deg    60 1.316  2.008  ? ? 'X-RAY DIFFRACTION' 
r_angle_other_deg      66 0.734  3.000  ? ? 'X-RAY DIFFRACTION' 
r_dihedral_angle_1_deg 6  3.286  5.000  ? ? 'X-RAY DIFFRACTION' 
r_dihedral_angle_2_deg 1  0.639  30.000 ? ? 'X-RAY DIFFRACTION' 
r_dihedral_angle_3_deg 7  11.609 15.000 ? ? 'X-RAY DIFFRACTION' 
r_chiral_restr         8  0.090  0.200  ? ? 'X-RAY DIFFRACTION' 
r_gen_planes_refined   50 0.004  0.020  ? ? 'X-RAY DIFFRACTION' 
r_gen_planes_other     6  0.000  0.020  ? ? 'X-RAY DIFFRACTION' 
r_nbd_refined          2  0.085  0.200  ? ? 'X-RAY DIFFRACTION' 
r_nbd_other            17 0.186  0.200  ? ? 'X-RAY DIFFRACTION' 
r_nbtor_refined        19 0.142  0.200  ? ? 'X-RAY DIFFRACTION' 
r_nbtor_other          24 0.068  0.200  ? ? 'X-RAY DIFFRACTION' 
r_xyhbond_nbd_refined  1  0.198  0.200  ? ? 'X-RAY DIFFRACTION' 
r_symmetry_vdw_other   6  0.213  0.200  ? ? 'X-RAY DIFFRACTION' 
r_mcbond_it            44 6.377  2.000  ? ? 'X-RAY DIFFRACTION' 
r_mcbond_other         15 2.278  2.000  ? ? 'X-RAY DIFFRACTION' 
r_mcangle_it           51 5.949  3.000  ? ? 'X-RAY DIFFRACTION' 
r_scbond_it            13 4.287  2.000  ? ? 'X-RAY DIFFRACTION' 
r_scangle_it           9  3.158  3.000  ? ? 'X-RAY DIFFRACTION' 
# 
_refine_ls_shell.d_res_high                       1.9020 
_refine_ls_shell.d_res_low                        1.9510 
_refine_ls_shell.pdbx_total_number_of_bins_used   20 
_refine_ls_shell.percent_reflns_obs               96.5500 
_refine_ls_shell.number_reflns_R_work             26 
_refine_ls_shell.R_factor_all                     ? 
_refine_ls_shell.R_factor_R_work                  0.2640 
_refine_ls_shell.R_factor_R_free                  0.5090 
_refine_ls_shell.percent_reflns_R_free            ? 
_refine_ls_shell.number_reflns_R_free             2 
_refine_ls_shell.R_factor_R_free_error            ? 
_refine_ls_shell.number_reflns_all                28 
_refine_ls_shell.number_reflns_obs                ? 
_refine_ls_shell.redundancy_reflns_obs            ? 
_refine_ls_shell.pdbx_refine_id                   'X-RAY DIFFRACTION' 
# 
_struct.entry_id                  4NIP 
_struct.title                     'GVIGIAQ segment 147-153 from Human Superoxide Dismutase' 
_struct.pdbx_model_details        ? 
_struct.pdbx_CASP_flag            ? 
_struct.pdbx_model_type_details   ? 
# 
_struct_keywords.entry_id        4NIP 
_struct_keywords.text            'steric zipper, cross-beta spine, amyloid fiber, PROTEIN FIBRIL' 
_struct_keywords.pdbx_keywords   'PROTEIN FIBRIL' 
# 
loop_
_struct_asym.id 
_struct_asym.pdbx_blank_PDB_chainid_flag 
_struct_asym.pdbx_modified 
_struct_asym.entity_id 
_struct_asym.details 
A N N 1 ? 
B N N 2 ? 
# 
_struct_ref.id                         1 
_struct_ref.db_name                    UNP 
_struct_ref.db_code                    SODC_HUMAN 
_struct_ref.pdbx_db_accession          P00441 
_struct_ref.entity_id                  1 
_struct_ref.pdbx_seq_one_letter_code   GVIGIAQ 
_struct_ref.pdbx_align_begin           148 
_struct_ref.pdbx_db_isoform            ? 
# 
_struct_ref_seq.align_id                      1 
_struct_ref_seq.ref_id                        1 
_struct_ref_seq.pdbx_PDB_id_code              4NIP 
_struct_ref_seq.pdbx_strand_id                A 
_struct_ref_seq.seq_align_beg                 1 
_struct_ref_seq.pdbx_seq_align_beg_ins_code   ? 
_struct_ref_seq.seq_align_end                 7 
_struct_ref_seq.pdbx_seq_align_end_ins_code   ? 
_struct_ref_seq.pdbx_db_accession             P00441 
_struct_ref_seq.db_align_beg                  148 
_struct_ref_seq.pdbx_db_align_beg_ins_code    ? 
_struct_ref_seq.db_align_end                  154 
_struct_ref_seq.pdbx_db_align_end_ins_code    ? 
_struct_ref_seq.pdbx_auth_seq_align_beg       1 
_struct_ref_seq.pdbx_auth_seq_align_end       7 
# 
_pdbx_struct_assembly.id                   1 
_pdbx_struct_assembly.details              author_defined_assembly 
_pdbx_struct_assembly.method_details       ? 
_pdbx_struct_assembly.oligomeric_details   decameric 
_pdbx_struct_assembly.oligomeric_count     10 
# 
_pdbx_struct_assembly_gen.assembly_id       1 
_pdbx_struct_assembly_gen.oper_expression   1,2,3,4,5,6,7,8,9,10 
_pdbx_struct_assembly_gen.asym_id_list      A,B 
# 
loop_
_pdbx_struct_oper_list.id 
_pdbx_struct_oper_list.type 
_pdbx_struct_oper_list.name 
_pdbx_struct_oper_list.symmetry_operation 
_pdbx_struct_oper_list.matrix[1][1] 
_pdbx_struct_oper_list.matrix[1][2] 
_pdbx_struct_oper_list.matrix[1][3] 
_pdbx_struct_oper_list.vector[1] 
_pdbx_struct_oper_list.matrix[2][1] 
_pdbx_struct_oper_list.matrix[2][2] 
_pdbx_struct_oper_list.matrix[2][3] 
_pdbx_struct_oper_list.vector[2] 
_pdbx_struct_oper_list.matrix[3][1] 
_pdbx_struct_oper_list.matrix[3][2] 
_pdbx_struct_oper_list.matrix[3][3] 
_pdbx_struct_oper_list.vector[3] 
1  'identity operation'         1_555 x,y,z           1.0000000000  0.0000000000  0.0000000000  0.0000000000   0.0000000000  1.0000000000  0.0000000000 0.0000000000  0.0000000000  0.0000000000 1.0000000000  0.0000000000  
2  'crystal symmetry operation' 1_545 x,y-1,z         1.0000000000  0.0000000000  0.0000000000  1.2515035527   0.0000000000  1.0000000000  0.0000000000 -3.4039215767 0.0000000000  0.0000000000 1.0000000000  -3.2096270433 
3  'crystal symmetry operation' 1_535 x,y-2,z         1.0000000000  0.0000000000  0.0000000000  2.5030071055   0.0000000000  1.0000000000  0.0000000000 -6.8078431534 0.0000000000  0.0000000000 1.0000000000  -6.4192540866 
4  'crystal symmetry operation' 1_565 x,y+1,z         1.0000000000  0.0000000000  0.0000000000  -1.2515035527  0.0000000000  1.0000000000  0.0000000000 3.4039215767  0.0000000000  0.0000000000 1.0000000000  3.2096270433  
5  'crystal symmetry operation' 1_575 x,y+2,z         1.0000000000  0.0000000000  0.0000000000  -2.5030071055  0.0000000000  1.0000000000  0.0000000000 6.8078431534  0.0000000000  0.0000000000 1.0000000000  6.4192540866  
6  'crystal symmetry operation' 4_555 -x+1/2,y+1/2,-z -0.8664434379 -0.3632559111 -0.3425214036 -11.0851734013 -0.3632559111 -0.0119927098 0.9316122144 -1.7131389757 -0.3425214036 0.9316122144 -0.1215638523 1.1482895923  
7  'crystal symmetry operation' 4_545 -x+1/2,y-1/2,-z -0.8664434379 -0.3632559111 -0.3425214036 -9.8336698485  -0.3632559111 -0.0119927098 0.9316122144 -5.1170605525 -0.3425214036 0.9316122144 -0.1215638523 -2.0613374510 
8  'crystal symmetry operation' 4_535 -x+1/2,y-3/2,-z -0.8664434379 -0.3632559111 -0.3425214036 -8.5821662958  -0.3632559111 -0.0119927098 0.9316122144 -8.5209821292 -0.3425214036 0.9316122144 -0.1215638523 -5.2709644943 
9  'crystal symmetry operation' 4_565 -x+1/2,y+3/2,-z -0.8664434379 -0.3632559111 -0.3425214036 -12.3366769540 -0.3632559111 -0.0119927098 0.9316122144 1.6907826010  -0.3425214036 0.9316122144 -0.1215638523 4.3579166356  
10 'crystal symmetry operation' 4_575 -x+1/2,y+5/2,-z -0.8664434379 -0.3632559111 -0.3425214036 -13.5881805067 -0.3632559111 -0.0119927098 0.9316122144 5.0947041777  -0.3425214036 0.9316122144 -0.1215638523 7.5675436789 
# 
_struct_biol.id        1 
_struct_biol.details   
;biological unit is a pair of beta-sheets. One sheet is composed of symmetry operators X,Y,Z; X,Y-1,Z;  X,Y+1,Z;  X,Y-2,Z;  X,Y+2,Z, etc.: the opposing sheet is composed of symmetry operators 1/2-x,1/2+y,-z; 1/2-x,-1/2+y,-z; 1/2-x, 3/2+y,-z; 1/2-x,-3/2+y,-z; 1/2-x, 5/2+y,-z, etc.
;
# 
_pdbx_phasing_MR.entry_id                     4NIP 
_pdbx_phasing_MR.method_rotation              ? 
_pdbx_phasing_MR.method_translation           ? 
_pdbx_phasing_MR.model_details                'Phaser MODE: MR_AUTO' 
_pdbx_phasing_MR.R_factor                     ? 
_pdbx_phasing_MR.R_rigid_body                 ? 
_pdbx_phasing_MR.correlation_coeff_Fo_to_Fc   ? 
_pdbx_phasing_MR.correlation_coeff_Io_to_Ic   ? 
_pdbx_phasing_MR.d_res_high_rotation          2.300 
_pdbx_phasing_MR.d_res_low_rotation           24.860 
_pdbx_phasing_MR.d_res_high_translation       2.300 
_pdbx_phasing_MR.d_res_low_translation        24.860 
_pdbx_phasing_MR.packing                      ? 
_pdbx_phasing_MR.reflns_percent_rotation      ? 
_pdbx_phasing_MR.reflns_percent_translation   ? 
_pdbx_phasing_MR.sigma_F_rotation             ? 
_pdbx_phasing_MR.sigma_F_translation          ? 
_pdbx_phasing_MR.sigma_I_rotation             ? 
_pdbx_phasing_MR.sigma_I_translation          ? 
# 
_phasing.method   MR 
# 
loop_
_chem_comp_atom.comp_id 
_chem_comp_atom.atom_id 
_chem_comp_atom.type_symbol 
_chem_comp_atom.pdbx_aromatic_flag 
_chem_comp_atom.pdbx_stereo_config 
_chem_comp_atom.pdbx_ordinal 
ALA N    N N N 1  
ALA CA   C N S 2  
ALA C    C N N 3  
ALA O    O N N 4  
ALA CB   C N N 5  
ALA OXT  O N N 6  
ALA H    H N N 7  
ALA H2   H N N 8  
ALA HA   H N N 9  
ALA HB1  H N N 10 
ALA HB2  H N N 11 
ALA HB3  H N N 12 
ALA HXT  H N N 13 
GLN N    N N N 14 
GLN CA   C N S 15 
GLN C    C N N 16 
GLN O    O N N 17 
GLN CB   C N N 18 
GLN CG   C N N 19 
GLN CD   C N N 20 
GLN OE1  O N N 21 
GLN NE2  N N N 22 
GLN OXT  O N N 23 
GLN H    H N N 24 
GLN H2   H N N 25 
GLN HA   H N N 26 
GLN HB2  H N N 27 
GLN HB3  H N N 28 
GLN HG2  H N N 29 
GLN HG3  H N N 30 
GLN HE21 H N N 31 
GLN HE22 H N N 32 
GLN HXT  H N N 33 
GLY N    N N N 34 
GLY CA   C N N 35 
GLY C    C N N 36 
GLY O    O N N 37 
GLY OXT  O N N 38 
GLY H    H N N 39 
GLY H2   H N N 40 
GLY HA2  H N N 41 
GLY HA3  H N N 42 
GLY HXT  H N N 43 
HOH O    O N N 44 
HOH H1   H N N 45 
HOH H2   H N N 46 
ILE N    N N N 47 
ILE CA   C N S 48 
ILE C    C N N 49 
ILE O    O N N 50 
ILE CB   C N S 51 
ILE CG1  C N N 52 
ILE CG2  C N N 53 
ILE CD1  C N N 54 
ILE OXT  O N N 55 
ILE H    H N N 56 
ILE H2   H N N 57 
ILE HA   H N N 58 
ILE HB   H N N 59 
ILE HG12 H N N 60 
ILE HG13 H N N 61 
ILE HG21 H N N 62 
ILE HG22 H N N 63 
ILE HG23 H N N 64 
ILE HD11 H N N 65 
ILE HD12 H N N 66 
ILE HD13 H N N 67 
ILE HXT  H N N 68 
VAL N    N N N 69 
VAL CA   C N S 70 
VAL C    C N N 71 
VAL O    O N N 72 
VAL CB   C N N 73 
VAL CG1  C N N 74 
VAL CG2  C N N 75 
VAL OXT  O N N 76 
VAL H    H N N 77 
VAL H2   H N N 78 
VAL HA   H N N 79 
VAL HB   H N N 80 
VAL HG11 H N N 81 
VAL HG12 H N N 82 
VAL HG13 H N N 83 
VAL HG21 H N N 84 
VAL HG22 H N N 85 
VAL HG23 H N N 86 
VAL HXT  H N N 87 
# 
loop_
_chem_comp_bond.comp_id 
_chem_comp_bond.atom_id_1 
_chem_comp_bond.atom_id_2 
_chem_comp_bond.value_order 
_chem_comp_bond.pdbx_aromatic_flag 
_chem_comp_bond.pdbx_stereo_config 
_chem_comp_bond.pdbx_ordinal 
ALA N   CA   sing N N 1  
ALA N   H    sing N N 2  
ALA N   H2   sing N N 3  
ALA CA  C    sing N N 4  
ALA CA  CB   sing N N 5  
ALA CA  HA   sing N N 6  
ALA C   O    doub N N 7  
ALA C   OXT  sing N N 8  
ALA CB  HB1  sing N N 9  
ALA CB  HB2  sing N N 10 
ALA CB  HB3  sing N N 11 
ALA OXT HXT  sing N N 12 
GLN N   CA   sing N N 13 
GLN N   H    sing N N 14 
GLN N   H2   sing N N 15 
GLN CA  C    sing N N 16 
GLN CA  CB   sing N N 17 
GLN CA  HA   sing N N 18 
GLN C   O    doub N N 19 
GLN C   OXT  sing N N 20 
GLN CB  CG   sing N N 21 
GLN CB  HB2  sing N N 22 
GLN CB  HB3  sing N N 23 
GLN CG  CD   sing N N 24 
GLN CG  HG2  sing N N 25 
GLN CG  HG3  sing N N 26 
GLN CD  OE1  doub N N 27 
GLN CD  NE2  sing N N 28 
GLN NE2 HE21 sing N N 29 
GLN NE2 HE22 sing N N 30 
GLN OXT HXT  sing N N 31 
GLY N   CA   sing N N 32 
GLY N   H    sing N N 33 
GLY N   H2   sing N N 34 
GLY CA  C    sing N N 35 
GLY CA  HA2  sing N N 36 
GLY CA  HA3  sing N N 37 
GLY C   O    doub N N 38 
GLY C   OXT  sing N N 39 
GLY OXT HXT  sing N N 40 
HOH O   H1   sing N N 41 
HOH O   H2   sing N N 42 
ILE N   CA   sing N N 43 
ILE N   H    sing N N 44 
ILE N   H2   sing N N 45 
ILE CA  C    sing N N 46 
ILE CA  CB   sing N N 47 
ILE CA  HA   sing N N 48 
ILE C   O    doub N N 49 
ILE C   OXT  sing N N 50 
ILE CB  CG1  sing N N 51 
ILE CB  CG2  sing N N 52 
ILE CB  HB   sing N N 53 
ILE CG1 CD1  sing N N 54 
ILE CG1 HG12 sing N N 55 
ILE CG1 HG13 sing N N 56 
ILE CG2 HG21 sing N N 57 
ILE CG2 HG22 sing N N 58 
ILE CG2 HG23 sing N N 59 
ILE CD1 HD11 sing N N 60 
ILE CD1 HD12 sing N N 61 
ILE CD1 HD13 sing N N 62 
ILE OXT HXT  sing N N 63 
VAL N   CA   sing N N 64 
VAL N   H    sing N N 65 
VAL N   H2   sing N N 66 
VAL CA  C    sing N N 67 
VAL CA  CB   sing N N 68 
VAL CA  HA   sing N N 69 
VAL C   O    doub N N 70 
VAL C   OXT  sing N N 71 
VAL CB  CG1  sing N N 72 
VAL CB  CG2  sing N N 73 
VAL CB  HB   sing N N 74 
VAL CG1 HG11 sing N N 75 
VAL CG1 HG12 sing N N 76 
VAL CG1 HG13 sing N N 77 
VAL CG2 HG21 sing N N 78 
VAL CG2 HG22 sing N N 79 
VAL CG2 HG23 sing N N 80 
VAL OXT HXT  sing N N 81 
# 
_atom_sites.entry_id                    4NIP 
_atom_sites.fract_transf_matrix[1][1]   -0.00020338 
_atom_sites.fract_transf_matrix[1][2]   0.01383569 
_atom_sites.fract_transf_matrix[1][3]   -0.01475253 
_atom_sites.fract_transf_matrix[2][1]   -0.05335855 
_atom_sites.fract_transf_matrix[2][2]   0.14512809 
_atom_sites.fract_transf_matrix[2][3]   0.13684424 
_atom_sites.fract_transf_matrix[3][1]   0.05315283 
_atom_sites.fract_transf_matrix[3][2]   0.01706554 
_atom_sites.fract_transf_matrix[3][3]   0.00262685 
_atom_sites.fract_transf_vector[1]      0.269195 
_atom_sites.fract_transf_vector[2]      0.096664 
_atom_sites.fract_transf_vector[3]      0.307714 
# 
loop_
_atom_type.symbol 
C 
N 
O 
# 
loop_
_atom_site.group_PDB 
_atom_site.id 
_atom_site.type_symbol 
_atom_site.label_atom_id 
_atom_site.label_alt_id 
_atom_site.label_comp_id 
_atom_site.label_asym_id 
_atom_site.label_entity_id 
_atom_site.label_seq_id 
_atom_site.pdbx_PDB_ins_code 
_atom_site.Cartn_x 
_atom_site.Cartn_y 
_atom_site.Cartn_z 
_atom_site.occupancy 
_atom_site.B_iso_or_equiv 
_atom_site.pdbx_formal_charge 
_atom_site.auth_seq_id 
_atom_site.auth_comp_id 
_atom_site.auth_asym_id 
_atom_site.auth_atom_id 
_atom_site.pdbx_PDB_model_num 
ATOM   1  N N   . GLY A 1 1 ? 2.621  -6.650 8.950  1.00 21.86 ? 1   GLY A N   1 
ATOM   2  C CA  . GLY A 1 1 ? 2.735  -6.598 7.467  1.00 17.75 ? 1   GLY A CA  1 
ATOM   3  C C   . GLY A 1 1 ? 2.587  -5.180 6.948  1.00 9.91  ? 1   GLY A C   1 
ATOM   4  O O   . GLY A 1 1 ? 2.369  -4.257 7.737  1.00 18.03 ? 1   GLY A O   1 
ATOM   5  N N   . VAL A 1 2 ? 2.664  -5.039 5.623  1.00 13.05 ? 2   VAL A N   1 
ATOM   6  C CA  . VAL A 1 2 ? 2.578  -3.750 4.912  1.00 8.35  ? 2   VAL A CA  1 
ATOM   7  C C   . VAL A 1 2 ? 1.651  -3.769 3.670  1.00 14.86 ? 2   VAL A C   1 
ATOM   8  O O   . VAL A 1 2 ? 1.777  -4.623 2.779  1.00 7.62  ? 2   VAL A O   1 
ATOM   9  C CB  . VAL A 1 2 ? 3.982  -3.270 4.478  1.00 9.82  ? 2   VAL A CB  1 
ATOM   10 C CG1 . VAL A 1 2 ? 3.894  -1.883 3.803  1.00 9.29  ? 2   VAL A CG1 1 
ATOM   11 C CG2 . VAL A 1 2 ? 4.941  -3.208 5.663  1.00 13.18 ? 2   VAL A CG2 1 
ATOM   12 N N   . ILE A 1 3 ? 0.722  -2.809 3.626  1.00 14.81 ? 3   ILE A N   1 
ATOM   13 C CA  . ILE A 1 3 ? -0.159 -2.575 2.474  1.00 8.26  ? 3   ILE A CA  1 
ATOM   14 C C   . ILE A 1 3 ? 0.056  -1.126 2.061  1.00 7.02  ? 3   ILE A C   1 
ATOM   15 O O   . ILE A 1 3 ? -0.029 -0.234 2.904  1.00 7.63  ? 3   ILE A O   1 
ATOM   16 C CB  . ILE A 1 3 ? -1.653 -2.798 2.828  1.00 10.68 ? 3   ILE A CB  1 
ATOM   17 C CG1 . ILE A 1 3 ? -1.888 -4.219 3.360  1.00 6.87  ? 3   ILE A CG1 1 
ATOM   18 C CG2 . ILE A 1 3 ? -2.542 -2.576 1.620  1.00 3.50  ? 3   ILE A CG2 1 
ATOM   19 C CD1 . ILE A 1 3 ? -3.322 -4.470 3.822  1.00 11.27 ? 3   ILE A CD1 1 
ATOM   20 N N   . GLY A 1 4 ? 0.389  -0.920 0.788  1.00 7.85  ? 4   GLY A N   1 
ATOM   21 C CA  . GLY A 1 4 ? 0.582  0.421  0.222  1.00 13.63 ? 4   GLY A CA  1 
ATOM   22 C C   . GLY A 1 4 ? -0.091 0.514  -1.132 1.00 2.67  ? 4   GLY A C   1 
ATOM   23 O O   . GLY A 1 4 ? 0.093  -0.369 -1.972 1.00 9.43  ? 4   GLY A O   1 
ATOM   24 N N   . ILE A 1 5 ? -0.850 1.592  -1.367 1.00 14.37 ? 5   ILE A N   1 
ATOM   25 C CA  . ILE A 1 5 ? -1.630 1.781  -2.597 1.00 7.08  ? 5   ILE A CA  1 
ATOM   26 C C   . ILE A 1 5 ? -1.457 3.202  -3.172 1.00 5.80  ? 5   ILE A C   1 
ATOM   27 O O   . ILE A 1 5 ? -1.786 4.172  -2.490 1.00 9.24  ? 5   ILE A O   1 
ATOM   28 C CB  . ILE A 1 5 ? -3.144 1.567  -2.328 1.00 10.98 ? 5   ILE A CB  1 
ATOM   29 C CG1 . ILE A 1 5 ? -3.428 0.128  -1.869 1.00 4.63  ? 5   ILE A CG1 1 
ATOM   30 C CG2 . ILE A 1 5 ? -3.952 1.847  -3.582 1.00 6.84  ? 5   ILE A CG2 1 
ATOM   31 C CD1 . ILE A 1 5 ? -4.868 -0.101 -1.431 1.00 11.07 ? 5   ILE A CD1 1 
ATOM   32 N N   . ALA A 1 6 ? -0.928 3.307  -4.399 1.00 8.87  ? 6   ALA A N   1 
ATOM   33 C CA  . ALA A 1 6 ? -0.725 4.601  -5.089 1.00 15.58 ? 6   ALA A CA  1 
ATOM   34 C C   . ALA A 1 6 ? -1.642 4.762  -6.302 1.00 20.91 ? 6   ALA A C   1 
ATOM   35 O O   . ALA A 1 6 ? -1.599 3.956  -7.226 1.00 26.18 ? 6   ALA A O   1 
ATOM   36 C CB  . ALA A 1 6 ? 0.728  4.757  -5.536 1.00 15.37 ? 6   ALA A CB  1 
ATOM   37 N N   . GLN A 1 7 ? -2.459 5.816  -6.298 1.00 22.23 ? 7   GLN A N   1 
ATOM   38 C CA  . GLN A 1 7 ? -3.382 6.120  -7.390 1.00 32.18 ? 7   GLN A CA  1 
ATOM   39 C C   . GLN A 1 7 ? -3.117 7.538  -7.906 1.00 31.59 ? 7   GLN A C   1 
ATOM   40 O O   . GLN A 1 7 ? -3.799 8.056  -8.795 1.00 37.97 ? 7   GLN A O   1 
ATOM   41 C CB  . GLN A 1 7 ? -4.837 5.993  -6.910 1.00 35.92 ? 7   GLN A CB  1 
ATOM   42 C CG  . GLN A 1 7 ? -5.410 4.577  -6.968 1.00 40.08 ? 7   GLN A CG  1 
ATOM   43 C CD  . GLN A 1 7 ? -6.712 4.400  -6.176 1.00 40.07 ? 7   GLN A CD  1 
ATOM   44 O OE1 . GLN A 1 7 ? -7.219 5.332  -5.547 1.00 39.12 ? 7   GLN A OE1 1 
ATOM   45 N NE2 . GLN A 1 7 ? -7.253 3.188  -6.209 1.00 35.16 ? 7   GLN A NE2 1 
ATOM   46 O OXT . GLN A 1 7 ? -2.204 8.213  -7.437 1.00 32.09 ? 7   GLN A OXT 1 
HETATM 47 O O   . HOH B 2 . ? 3.972  0.479  0.953  1.00 19.25 ? 101 HOH A O   1 
HETATM 48 O O   . HOH B 2 . ? -9.866 1.616  -6.589 1.00 28.64 ? 102 HOH A O   1 
HETATM 49 O O   . HOH B 2 . ? -9.432 1.999  -9.063 1.00 40.82 ? 103 HOH A O   1 
# 
